data_2UYQ
#
_entry.id   2UYQ
#
_cell.length_a   75.826
_cell.length_b   75.826
_cell.length_c   105.655
_cell.angle_alpha   90.00
_cell.angle_beta   90.00
_cell.angle_gamma   120.00
#
_symmetry.space_group_name_H-M   'P 65'
#
loop_
_entity.id
_entity.type
_entity.pdbx_description
1 polymer 'HYPOTHETICAL PROTEIN ML2640'
2 non-polymer S-ADENOSYLMETHIONINE
3 water water
#
_entity_poly.entity_id   1
_entity_poly.type   'polypeptide(L)'
_entity_poly.pdbx_seq_one_letter_code
;MRTHDDTWDIKTSVGTTAVMVAAARAAETDRPDALIRDPYAKLLVTNTGAGALWEAMLDPSMVAKVEAIDAEAAAMVEHM
RSYQAVRTNFFDTYFNNAVIDGIRQFVILASGLDSRAYRLDWPTGTTVYEIDQPKVLAYKSTTLAEHGVTPTADRREVPI
DLRQDWPPALRSAGFDPSARTAWLAEGLLMYLPATAQDGLFTEIGGLSAVGSRIAVETSPLHGDEWREQMQLRFRRVSDA
LGFEQAVDVQELIYHDENRAVVADWLNRHGWRATAQSAPDEMRRVGRWGDGVPMADDKDAFAEFVTAHRL
;
_entity_poly.pdbx_strand_id   A
#
loop_
_chem_comp.id
_chem_comp.type
_chem_comp.name
_chem_comp.formula
SAM non-polymer S-ADENOSYLMETHIONINE 'C15 H22 N6 O5 S'
#
# COMPACT_ATOMS: atom_id res chain seq x y z
N VAL A 14 13.31 -5.08 7.78
CA VAL A 14 12.40 -4.53 6.75
C VAL A 14 12.74 -5.11 5.38
N GLY A 15 11.72 -5.60 4.68
CA GLY A 15 11.91 -6.19 3.36
C GLY A 15 12.31 -5.19 2.31
N THR A 16 12.75 -5.73 1.19
CA THR A 16 13.30 -4.98 0.08
C THR A 16 12.20 -4.13 -0.56
N THR A 17 11.02 -4.73 -0.69
CA THR A 17 9.88 -4.03 -1.33
C THR A 17 9.43 -2.80 -0.54
N ALA A 18 9.30 -2.95 0.79
CA ALA A 18 8.94 -1.81 1.67
C ALA A 18 9.94 -0.64 1.52
N VAL A 19 11.22 -0.97 1.41
CA VAL A 19 12.26 0.06 1.22
C VAL A 19 12.14 0.74 -0.17
N MET A 20 11.96 -0.07 -1.20
CA MET A 20 11.92 0.44 -2.58
C MET A 20 10.76 1.42 -2.72
N VAL A 21 9.59 1.06 -2.22
CA VAL A 21 8.42 1.94 -2.38
C VAL A 21 8.56 3.20 -1.53
N ALA A 22 9.16 3.08 -0.35
CA ALA A 22 9.41 4.28 0.46
C ALA A 22 10.45 5.19 -0.26
N ALA A 23 11.49 4.60 -0.88
CA ALA A 23 12.47 5.39 -1.58
C ALA A 23 11.82 6.14 -2.77
N ALA A 24 10.88 5.48 -3.42
CA ALA A 24 10.11 6.11 -4.52
C ALA A 24 9.32 7.32 -3.99
N ARG A 25 8.71 7.14 -2.82
CA ARG A 25 7.93 8.25 -2.19
C ARG A 25 8.88 9.41 -1.86
N ALA A 26 10.07 9.06 -1.36
CA ALA A 26 11.04 10.09 -1.04
C ALA A 26 11.49 10.86 -2.26
N ALA A 27 11.72 10.13 -3.36
CA ALA A 27 12.13 10.74 -4.60
C ALA A 27 11.04 11.68 -5.13
N GLU A 28 9.79 11.27 -4.99
CA GLU A 28 8.67 12.13 -5.43
C GLU A 28 8.64 13.40 -4.58
N THR A 29 8.78 13.20 -3.27
CA THR A 29 8.71 14.28 -2.29
C THR A 29 9.77 15.35 -2.57
N ASP A 30 10.95 14.94 -3.07
CA ASP A 30 12.06 15.86 -3.33
C ASP A 30 11.82 16.83 -4.50
N ARG A 31 10.87 16.52 -5.37
CA ARG A 31 10.62 17.30 -6.61
C ARG A 31 9.71 18.51 -6.33
N PRO A 32 9.95 19.66 -7.02
CA PRO A 32 9.03 20.83 -6.86
C PRO A 32 7.60 20.54 -7.28
N ASP A 33 7.44 19.63 -8.25
CA ASP A 33 6.15 19.27 -8.81
C ASP A 33 5.57 18.01 -8.14
N ALA A 34 5.98 17.73 -6.90
CA ALA A 34 5.55 16.50 -6.18
C ALA A 34 4.03 16.34 -6.14
N LEU A 35 3.53 15.14 -6.44
CA LEU A 35 2.09 14.85 -6.35
C LEU A 35 1.70 14.59 -4.89
N ILE A 36 2.63 14.03 -4.14
CA ILE A 36 2.43 13.70 -2.70
C ILE A 36 3.69 14.09 -1.96
N ARG A 37 3.58 14.33 -0.66
CA ARG A 37 4.76 14.73 0.13
C ARG A 37 4.78 13.86 1.37
N ASP A 38 5.82 13.03 1.47
CA ASP A 38 5.98 12.10 2.61
C ASP A 38 7.27 12.55 3.27
N PRO A 39 7.16 13.42 4.32
CA PRO A 39 8.30 14.03 4.99
C PRO A 39 9.16 12.95 5.69
N TYR A 40 8.64 11.73 5.87
CA TYR A 40 9.34 10.71 6.66
C TYR A 40 9.99 9.56 5.84
N ALA A 41 9.73 9.54 4.54
CA ALA A 41 10.21 8.42 3.72
C ALA A 41 11.74 8.41 3.64
N LYS A 42 12.37 9.57 3.42
CA LYS A 42 13.83 9.60 3.31
C LYS A 42 14.51 9.07 4.58
N LEU A 43 13.98 9.48 5.73
CA LEU A 43 14.45 9.11 7.06
C LEU A 43 14.47 7.59 7.19
N LEU A 44 13.39 7.00 6.72
CA LEU A 44 13.12 5.56 6.86
C LEU A 44 13.97 4.72 5.92
N VAL A 45 14.43 5.31 4.81
CA VAL A 45 15.29 4.58 3.85
C VAL A 45 16.76 4.94 3.91
N THR A 46 17.08 6.02 4.61
CA THR A 46 18.48 6.30 4.94
C THR A 46 18.96 5.24 5.94
N ASN A 47 18.09 4.92 6.91
CA ASN A 47 18.47 4.12 8.09
C ASN A 47 18.37 2.60 7.95
N THR A 48 18.21 2.11 6.71
CA THR A 48 18.30 0.68 6.39
C THR A 48 19.57 0.32 5.57
N GLY A 49 19.89 1.15 4.57
CA GLY A 49 21.06 0.92 3.70
C GLY A 49 20.74 0.36 2.31
N ALA A 50 19.60 -0.33 2.20
CA ALA A 50 19.09 -0.84 0.92
C ALA A 50 18.51 0.29 0.05
N GLY A 51 18.28 1.45 0.66
CA GLY A 51 17.72 2.60 -0.05
C GLY A 51 18.73 3.57 -0.63
N ALA A 52 20.02 3.32 -0.38
CA ALA A 52 21.09 4.09 -1.01
C ALA A 52 21.16 3.77 -2.51
N LEU A 53 20.96 2.50 -2.84
CA LEU A 53 20.89 2.03 -4.22
C LEU A 53 19.64 2.57 -4.93
N TRP A 54 18.50 2.51 -4.25
CA TRP A 54 17.25 3.08 -4.77
C TRP A 54 17.32 4.59 -4.87
N GLU A 55 18.02 5.22 -3.94
CA GLU A 55 18.23 6.67 -3.98
C GLU A 55 18.97 7.03 -5.25
N ALA A 56 19.97 6.21 -5.60
CA ALA A 56 20.80 6.42 -6.79
C ALA A 56 20.02 6.24 -8.11
N MET A 57 19.22 5.18 -8.19
CA MET A 57 18.37 4.89 -9.35
C MET A 57 17.26 5.94 -9.52
N ASP A 70 18.69 2.76 -21.50
CA ASP A 70 18.10 3.41 -22.70
C ASP A 70 16.60 3.93 -22.42
N ALA A 71 15.90 4.23 -23.55
CA ALA A 71 14.51 4.74 -23.47
C ALA A 71 13.64 3.87 -22.56
N GLU A 72 13.68 2.56 -22.76
CA GLU A 72 12.84 1.66 -21.98
C GLU A 72 13.33 1.60 -20.56
N ALA A 73 14.66 1.61 -20.41
CA ALA A 73 15.28 1.61 -19.09
C ALA A 73 14.93 2.88 -18.33
N ALA A 74 15.08 4.04 -18.98
CA ALA A 74 14.71 5.34 -18.36
C ALA A 74 13.23 5.42 -18.01
N ALA A 75 12.38 4.93 -18.92
CA ALA A 75 10.93 4.92 -18.71
C ALA A 75 10.55 4.06 -17.52
N MET A 76 11.25 2.94 -17.32
CA MET A 76 10.92 2.09 -16.15
C MET A 76 11.18 2.78 -14.80
N VAL A 77 12.30 3.50 -14.69
CA VAL A 77 12.61 4.24 -13.45
C VAL A 77 11.57 5.33 -13.16
N GLU A 78 11.19 6.04 -14.22
CA GLU A 78 10.18 7.08 -14.10
C GLU A 78 8.83 6.47 -13.75
N HIS A 79 8.51 5.30 -14.32
CA HIS A 79 7.29 4.60 -14.02
C HIS A 79 7.30 4.20 -12.57
N MET A 80 8.41 3.67 -12.06
CA MET A 80 8.43 3.25 -10.64
C MET A 80 8.06 4.40 -9.72
N ARG A 81 8.65 5.57 -9.97
CA ARG A 81 8.38 6.73 -9.14
C ARG A 81 6.93 7.18 -9.30
N SER A 82 6.49 7.31 -10.55
CA SER A 82 5.12 7.82 -10.84
C SER A 82 4.04 6.86 -10.37
N TYR A 83 4.23 5.57 -10.62
CA TYR A 83 3.27 4.58 -10.06
C TYR A 83 3.10 4.70 -8.53
N GLN A 84 4.22 4.81 -7.81
CA GLN A 84 4.15 4.92 -6.37
C GLN A 84 3.52 6.23 -5.92
N ALA A 85 3.85 7.31 -6.62
CA ALA A 85 3.19 8.61 -6.35
C ALA A 85 1.68 8.57 -6.53
N VAL A 86 1.25 7.98 -7.64
CA VAL A 86 -0.17 7.91 -7.99
C VAL A 86 -0.89 6.95 -7.03
N ARG A 87 -0.27 5.81 -6.70
CA ARG A 87 -0.89 4.87 -5.74
C ARG A 87 -1.00 5.53 -4.37
N THR A 88 0.05 6.23 -3.96
CA THR A 88 0.07 6.94 -2.68
C THR A 88 -1.03 8.01 -2.64
N ASN A 89 -1.15 8.79 -3.71
CA ASN A 89 -2.19 9.84 -3.80
C ASN A 89 -3.58 9.20 -3.71
N PHE A 90 -3.77 8.07 -4.42
CA PHE A 90 -5.08 7.40 -4.41
C PHE A 90 -5.47 6.94 -3.00
N PHE A 91 -4.55 6.27 -2.32
CA PHE A 91 -4.87 5.76 -0.97
C PHE A 91 -4.93 6.84 0.09
N ASP A 92 -4.11 7.89 -0.08
CA ASP A 92 -4.26 9.09 0.74
C ASP A 92 -5.66 9.69 0.62
N THR A 93 -6.12 9.88 -0.61
CA THR A 93 -7.45 10.44 -0.88
C THR A 93 -8.56 9.59 -0.26
N TYR A 94 -8.41 8.27 -0.40
CA TYR A 94 -9.33 7.29 0.21
C TYR A 94 -9.47 7.53 1.73
N PHE A 95 -8.34 7.62 2.44
CA PHE A 95 -8.38 7.81 3.89
C PHE A 95 -8.95 9.20 4.20
N ASN A 96 -8.53 10.18 3.42
CA ASN A 96 -9.00 11.56 3.63
C ASN A 96 -10.50 11.67 3.45
N ASN A 97 -11.04 10.99 2.45
CA ASN A 97 -12.49 10.96 2.25
C ASN A 97 -13.26 10.19 3.32
N ALA A 98 -12.63 9.15 3.88
CA ALA A 98 -13.20 8.37 4.99
C ALA A 98 -13.31 9.26 6.24
N VAL A 99 -12.27 10.06 6.52
CA VAL A 99 -12.30 11.06 7.59
C VAL A 99 -13.46 12.03 7.39
N ILE A 100 -13.60 12.53 6.17
CA ILE A 100 -14.67 13.48 5.84
C ILE A 100 -16.05 12.86 6.11
N ASP A 101 -16.16 11.57 5.80
CA ASP A 101 -17.40 10.82 5.97
C ASP A 101 -17.70 10.37 7.39
N GLY A 102 -16.80 10.69 8.31
CA GLY A 102 -17.05 10.49 9.72
C GLY A 102 -16.38 9.30 10.34
N ILE A 103 -15.60 8.55 9.56
CA ILE A 103 -15.01 7.30 10.05
C ILE A 103 -13.82 7.70 10.93
N ARG A 104 -13.68 7.01 12.07
CA ARG A 104 -12.66 7.39 13.06
C ARG A 104 -11.81 6.21 13.51
N GLN A 105 -11.99 5.09 12.83
CA GLN A 105 -11.20 3.89 13.10
C GLN A 105 -10.61 3.41 11.77
N PHE A 106 -9.27 3.31 11.75
CA PHE A 106 -8.50 3.03 10.55
C PHE A 106 -7.57 1.89 10.79
N VAL A 107 -7.41 1.02 9.76
CA VAL A 107 -6.48 -0.10 9.91
C VAL A 107 -5.61 -0.19 8.67
N ILE A 108 -4.30 -0.09 8.88
CA ILE A 108 -3.34 -0.23 7.79
C ILE A 108 -2.74 -1.63 7.86
N LEU A 109 -3.09 -2.45 6.88
CA LEU A 109 -2.66 -3.84 6.85
C LEU A 109 -1.31 -3.96 6.15
N ALA A 110 -0.41 -4.72 6.76
CA ALA A 110 0.99 -4.82 6.30
C ALA A 110 1.59 -3.42 6.10
N SER A 111 1.59 -2.65 7.20
CA SER A 111 1.87 -1.23 7.15
C SER A 111 3.31 -0.88 6.74
N GLY A 112 4.24 -1.80 6.91
CA GLY A 112 5.60 -1.55 6.40
C GLY A 112 6.14 -0.19 6.81
N LEU A 113 6.63 0.59 5.85
CA LEU A 113 7.20 1.92 6.14
C LEU A 113 6.18 3.04 5.84
N ASP A 114 4.91 2.66 5.71
CA ASP A 114 3.83 3.64 5.46
C ASP A 114 3.83 4.65 6.64
N SER A 115 3.91 5.94 6.34
CA SER A 115 3.89 6.97 7.44
C SER A 115 2.53 7.68 7.55
N ARG A 116 1.49 7.14 6.93
CA ARG A 116 0.19 7.81 7.00
C ARG A 116 -0.27 8.14 8.42
N ALA A 117 0.05 7.25 9.39
CA ALA A 117 -0.37 7.54 10.82
C ALA A 117 0.26 8.84 11.39
N TYR A 118 1.35 9.30 10.76
CA TYR A 118 2.12 10.45 11.20
C TYR A 118 1.84 11.66 10.33
N ARG A 119 1.69 11.42 9.03
CA ARG A 119 1.71 12.57 8.10
C ARG A 119 0.31 13.06 7.68
N LEU A 120 -0.71 12.21 7.72
CA LEU A 120 -2.07 12.68 7.36
C LEU A 120 -2.65 13.43 8.57
N ASP A 121 -3.63 14.28 8.30
CA ASP A 121 -4.35 15.00 9.35
C ASP A 121 -5.48 14.13 9.90
N TRP A 122 -5.44 13.85 11.20
CA TRP A 122 -6.46 12.99 11.79
C TRP A 122 -7.26 13.76 12.84
N PRO A 123 -8.62 13.71 12.78
CA PRO A 123 -9.36 14.43 13.86
C PRO A 123 -9.13 13.80 15.21
N THR A 124 -9.37 14.57 16.27
CA THR A 124 -9.28 14.03 17.62
C THR A 124 -10.27 12.87 17.74
N GLY A 125 -9.90 11.83 18.46
CA GLY A 125 -10.76 10.66 18.56
C GLY A 125 -10.52 9.58 17.50
N THR A 126 -9.56 9.83 16.61
CA THR A 126 -9.23 8.83 15.58
C THR A 126 -8.29 7.79 16.15
N THR A 127 -8.50 6.53 15.81
CA THR A 127 -7.52 5.49 16.13
C THR A 127 -6.99 4.93 14.81
N VAL A 128 -5.67 4.71 14.74
CA VAL A 128 -5.05 4.18 13.50
C VAL A 128 -4.23 2.97 13.92
N TYR A 129 -4.70 1.79 13.50
CA TYR A 129 -4.05 0.51 13.87
C TYR A 129 -3.11 0.14 12.71
N GLU A 130 -1.91 -0.28 13.05
CA GLU A 130 -0.98 -0.78 12.03
C GLU A 130 -0.70 -2.25 12.33
N ILE A 131 -0.96 -3.11 11.34
CA ILE A 131 -0.62 -4.54 11.48
C ILE A 131 0.57 -4.91 10.60
N ASP A 132 1.63 -5.43 11.22
CA ASP A 132 2.75 -6.01 10.49
C ASP A 132 3.51 -6.91 11.44
N GLN A 133 4.52 -7.59 10.89
CA GLN A 133 5.43 -8.35 11.71
C GLN A 133 6.14 -7.43 12.75
N PRO A 134 6.45 -7.97 13.96
CA PRO A 134 7.07 -7.18 15.03
C PRO A 134 8.33 -6.42 14.64
N LYS A 135 9.25 -7.06 13.93
CA LYS A 135 10.53 -6.39 13.63
C LYS A 135 10.40 -5.18 12.67
N VAL A 136 9.41 -5.25 11.77
CA VAL A 136 9.12 -4.21 10.81
C VAL A 136 8.61 -3.01 11.61
N LEU A 137 7.67 -3.27 12.52
CA LEU A 137 7.09 -2.19 13.30
C LEU A 137 8.16 -1.56 14.19
N ALA A 138 9.00 -2.40 14.79
CA ALA A 138 10.08 -1.94 15.70
C ALA A 138 11.09 -1.08 14.95
N TYR A 139 11.42 -1.46 13.72
CA TYR A 139 12.32 -0.64 12.90
C TYR A 139 11.75 0.77 12.63
N LYS A 140 10.50 0.85 12.19
CA LYS A 140 9.91 2.14 11.89
C LYS A 140 9.86 3.05 13.15
N SER A 141 9.32 2.52 14.24
CA SER A 141 9.19 3.31 15.47
C SER A 141 10.53 3.82 16.04
N THR A 142 11.52 2.93 16.13
CA THR A 142 12.82 3.32 16.70
C THR A 142 13.51 4.31 15.77
N THR A 143 13.47 4.02 14.47
CA THR A 143 14.08 4.89 13.47
C THR A 143 13.47 6.29 13.51
N LEU A 144 12.14 6.37 13.60
CA LEU A 144 11.50 7.68 13.68
C LEU A 144 11.86 8.40 14.99
N ALA A 145 11.81 7.67 16.10
CA ALA A 145 12.16 8.24 17.41
C ALA A 145 13.56 8.85 17.41
N GLU A 146 14.51 8.19 16.73
CA GLU A 146 15.88 8.69 16.67
C GLU A 146 15.95 10.06 15.96
N HIS A 147 14.92 10.36 15.20
CA HIS A 147 14.81 11.64 14.51
C HIS A 147 13.85 12.61 15.19
N GLY A 148 13.43 12.25 16.39
CA GLY A 148 12.53 13.06 17.17
C GLY A 148 11.08 13.01 16.72
N VAL A 149 10.71 12.01 15.89
CA VAL A 149 9.36 11.92 15.32
C VAL A 149 8.45 10.97 16.10
N THR A 150 7.34 11.51 16.57
CA THR A 150 6.28 10.72 17.22
C THR A 150 4.98 11.19 16.57
N PRO A 151 3.95 10.33 16.58
CA PRO A 151 2.67 10.71 15.96
C PRO A 151 1.86 11.62 16.90
N THR A 152 0.94 12.45 16.36
CA THR A 152 0.04 13.17 17.28
C THR A 152 -1.25 12.36 17.41
N ALA A 153 -1.60 11.61 16.36
CA ALA A 153 -2.78 10.71 16.41
C ALA A 153 -2.58 9.48 17.30
N ASP A 154 -3.69 8.85 17.67
CA ASP A 154 -3.67 7.68 18.55
C ASP A 154 -3.34 6.52 17.65
N ARG A 155 -2.05 6.24 17.54
CA ARG A 155 -1.60 5.18 16.67
C ARG A 155 -1.34 3.93 17.51
N ARG A 156 -1.79 2.77 17.02
CA ARG A 156 -1.74 1.54 17.81
C ARG A 156 -1.13 0.39 16.99
N GLU A 157 0.04 -0.10 17.44
CA GLU A 157 0.70 -1.22 16.75
C GLU A 157 0.05 -2.58 17.08
N VAL A 158 -0.04 -3.44 16.07
CA VAL A 158 -0.56 -4.79 16.23
C VAL A 158 0.43 -5.77 15.57
N PRO A 159 1.45 -6.21 16.33
CA PRO A 159 2.53 -7.01 15.76
C PRO A 159 2.07 -8.46 15.58
N ILE A 160 1.80 -8.85 14.35
CA ILE A 160 1.34 -10.24 14.10
C ILE A 160 1.46 -10.55 12.61
N ASP A 161 1.56 -11.84 12.30
CA ASP A 161 1.55 -12.34 10.93
C ASP A 161 0.10 -12.46 10.39
N LEU A 162 -0.20 -11.81 9.26
CA LEU A 162 -1.55 -11.85 8.69
C LEU A 162 -2.03 -13.19 8.15
N ARG A 163 -1.12 -14.17 8.06
CA ARG A 163 -1.49 -15.52 7.65
C ARG A 163 -1.93 -16.36 8.84
N GLN A 164 -1.64 -15.83 10.04
CA GLN A 164 -2.03 -16.48 11.31
C GLN A 164 -3.39 -15.92 11.82
N ASP A 165 -3.77 -16.30 13.05
CA ASP A 165 -5.01 -15.81 13.68
C ASP A 165 -4.86 -14.36 14.18
N TRP A 166 -4.98 -13.42 13.27
CA TRP A 166 -4.73 -12.02 13.59
C TRP A 166 -5.93 -11.24 14.21
N PRO A 167 -7.19 -11.66 13.93
CA PRO A 167 -8.29 -10.89 14.58
C PRO A 167 -8.18 -10.72 16.11
N PRO A 168 -7.86 -11.78 16.88
CA PRO A 168 -7.75 -11.53 18.34
C PRO A 168 -6.71 -10.48 18.73
N ALA A 169 -5.61 -10.41 17.97
CA ALA A 169 -4.55 -9.45 18.22
C ALA A 169 -5.02 -8.01 17.99
N LEU A 170 -5.80 -7.83 16.94
CA LEU A 170 -6.36 -6.51 16.60
C LEU A 170 -7.36 -6.13 17.70
N ARG A 171 -8.22 -7.09 18.09
CA ARG A 171 -9.22 -6.83 19.14
C ARG A 171 -8.54 -6.47 20.49
N SER A 172 -7.49 -7.19 20.87
CA SER A 172 -6.86 -6.90 22.16
C SER A 172 -6.16 -5.54 22.17
N ALA A 173 -5.78 -5.03 21.00
CA ALA A 173 -5.26 -3.66 20.86
C ALA A 173 -6.33 -2.54 20.98
N GLY A 174 -7.61 -2.90 21.07
CA GLY A 174 -8.66 -1.91 21.34
C GLY A 174 -9.65 -1.73 20.20
N PHE A 175 -9.39 -2.41 19.08
CA PHE A 175 -10.28 -2.33 17.90
C PHE A 175 -11.72 -2.67 18.21
N ASP A 176 -12.65 -1.84 17.72
CA ASP A 176 -14.11 -2.03 17.96
C ASP A 176 -14.84 -2.47 16.69
N PRO A 177 -15.14 -3.78 16.56
CA PRO A 177 -15.78 -4.28 15.32
C PRO A 177 -17.14 -3.67 15.04
N SER A 178 -17.79 -3.11 16.06
CA SER A 178 -19.08 -2.47 15.86
C SER A 178 -18.99 -1.02 15.36
N ALA A 179 -17.79 -0.43 15.35
CA ALA A 179 -17.52 0.90 14.79
C ALA A 179 -17.19 0.84 13.29
N ARG A 180 -17.59 1.84 12.50
CA ARG A 180 -17.17 1.84 11.08
C ARG A 180 -15.64 1.90 10.97
N THR A 181 -15.08 1.07 10.09
CA THR A 181 -13.62 1.02 9.93
C THR A 181 -13.26 1.31 8.51
N ALA A 182 -12.17 2.07 8.29
CA ALA A 182 -11.57 2.15 6.95
C ALA A 182 -10.29 1.34 6.92
N TRP A 183 -10.30 0.29 6.10
CA TRP A 183 -9.18 -0.63 6.03
C TRP A 183 -8.36 -0.30 4.78
N LEU A 184 -7.06 -0.46 4.89
CA LEU A 184 -6.20 -0.27 3.70
C LEU A 184 -5.32 -1.51 3.54
N ALA A 185 -5.21 -2.03 2.31
CA ALA A 185 -4.34 -3.18 2.04
C ALA A 185 -3.58 -2.82 0.75
N GLU A 186 -2.51 -2.07 0.93
CA GLU A 186 -1.62 -1.60 -0.13
C GLU A 186 -0.36 -2.49 -0.24
N GLY A 187 0.02 -2.90 -1.47
CA GLY A 187 1.26 -3.66 -1.65
C GLY A 187 1.37 -4.96 -0.89
N LEU A 188 0.22 -5.63 -0.78
CA LEU A 188 0.13 -6.81 0.08
C LEU A 188 -0.29 -8.08 -0.66
N LEU A 189 -1.41 -8.02 -1.39
CA LEU A 189 -2.03 -9.25 -1.91
C LEU A 189 -1.15 -10.06 -2.84
N MET A 190 -0.35 -9.38 -3.67
CA MET A 190 0.50 -10.08 -4.61
C MET A 190 1.64 -10.86 -3.89
N TYR A 191 1.79 -10.59 -2.61
CA TYR A 191 2.80 -11.25 -1.78
C TYR A 191 2.20 -12.33 -0.87
N LEU A 192 0.90 -12.63 -1.05
CA LEU A 192 0.17 -13.64 -0.30
C LEU A 192 -0.31 -14.72 -1.25
N PRO A 193 -0.26 -16.00 -0.85
CA PRO A 193 -0.83 -17.03 -1.72
C PRO A 193 -2.31 -16.78 -2.01
N ALA A 194 -2.83 -17.31 -3.11
CA ALA A 194 -4.25 -17.11 -3.43
C ALA A 194 -5.21 -17.53 -2.31
N THR A 195 -4.96 -18.65 -1.64
CA THR A 195 -5.83 -19.10 -0.52
C THR A 195 -5.84 -18.14 0.67
N ALA A 196 -4.69 -17.51 0.90
CA ALA A 196 -4.54 -16.55 1.96
C ALA A 196 -5.34 -15.28 1.68
N GLN A 197 -5.41 -14.85 0.42
CA GLN A 197 -6.25 -13.68 0.09
C GLN A 197 -7.72 -13.86 0.52
N ASP A 198 -8.29 -15.01 0.20
CA ASP A 198 -9.69 -15.30 0.56
C ASP A 198 -9.91 -15.24 2.07
N GLY A 199 -9.01 -15.91 2.81
CA GLY A 199 -9.06 -15.94 4.27
C GLY A 199 -8.95 -14.54 4.86
N LEU A 200 -8.04 -13.72 4.33
CA LEU A 200 -7.87 -12.34 4.77
C LEU A 200 -9.17 -11.56 4.63
N PHE A 201 -9.77 -11.64 3.44
CA PHE A 201 -10.95 -10.83 3.21
C PHE A 201 -12.10 -11.33 4.09
N THR A 202 -12.18 -12.64 4.29
CA THR A 202 -13.24 -13.25 5.13
C THR A 202 -13.11 -12.71 6.56
N GLU A 203 -11.88 -12.67 7.06
CA GLU A 203 -11.72 -12.16 8.41
C GLU A 203 -12.05 -10.68 8.49
N ILE A 204 -11.66 -9.92 7.47
CA ILE A 204 -11.95 -8.50 7.43
C ILE A 204 -13.47 -8.27 7.47
N GLY A 205 -14.22 -9.04 6.70
CA GLY A 205 -15.71 -8.87 6.64
C GLY A 205 -16.28 -9.13 8.03
N GLY A 206 -15.70 -10.12 8.69
CA GLY A 206 -16.11 -10.54 10.05
C GLY A 206 -15.89 -9.45 11.09
N LEU A 207 -14.95 -8.55 10.83
CA LEU A 207 -14.62 -7.46 11.77
C LEU A 207 -15.19 -6.10 11.36
N SER A 208 -15.95 -6.09 10.28
CA SER A 208 -16.37 -4.81 9.65
C SER A 208 -17.83 -4.48 9.93
N ALA A 209 -18.10 -3.36 10.60
CA ALA A 209 -19.47 -2.84 10.77
C ALA A 209 -20.06 -2.37 9.44
N VAL A 210 -21.39 -2.33 9.31
CA VAL A 210 -21.99 -1.69 8.14
C VAL A 210 -21.43 -0.29 7.99
N GLY A 211 -21.12 0.09 6.76
CA GLY A 211 -20.59 1.43 6.49
C GLY A 211 -19.07 1.52 6.54
N SER A 212 -18.42 0.41 6.92
CA SER A 212 -16.97 0.28 6.84
C SER A 212 -16.56 0.36 5.38
N ARG A 213 -15.26 0.60 5.14
CA ARG A 213 -14.80 0.52 3.76
C ARG A 213 -13.44 -0.13 3.70
N ILE A 214 -13.09 -0.59 2.50
CA ILE A 214 -11.74 -1.11 2.28
C ILE A 214 -11.19 -0.58 0.95
N ALA A 215 -9.89 -0.27 0.89
CA ALA A 215 -9.26 -0.01 -0.42
C ALA A 215 -8.08 -0.97 -0.50
N VAL A 216 -7.87 -1.53 -1.69
CA VAL A 216 -6.96 -2.65 -1.90
C VAL A 216 -6.25 -2.47 -3.22
N GLU A 217 -4.96 -2.80 -3.22
CA GLU A 217 -4.20 -2.88 -4.47
C GLU A 217 -4.17 -4.36 -4.89
N THR A 218 -4.73 -4.66 -6.05
CA THR A 218 -4.82 -6.07 -6.45
C THR A 218 -3.51 -6.60 -7.04
N SER A 219 -3.40 -7.92 -7.10
CA SER A 219 -2.29 -8.55 -7.78
C SER A 219 -2.64 -8.56 -9.29
N PRO A 220 -1.75 -8.03 -10.16
CA PRO A 220 -2.03 -7.97 -11.61
C PRO A 220 -2.52 -9.30 -12.23
N LEU A 221 -3.56 -9.24 -13.09
CA LEU A 221 -4.22 -10.43 -13.66
C LEU A 221 -3.25 -11.34 -14.40
N HIS A 222 -2.43 -10.76 -15.28
CA HIS A 222 -1.32 -11.47 -15.91
C HIS A 222 0.01 -10.71 -15.69
N GLY A 223 0.52 -10.77 -14.45
CA GLY A 223 1.63 -9.88 -14.07
C GLY A 223 2.83 -10.25 -13.20
N ASP A 224 3.50 -11.36 -13.49
CA ASP A 224 4.86 -11.62 -12.94
C ASP A 224 5.99 -11.35 -13.97
N GLU A 225 5.63 -11.33 -15.26
CA GLU A 225 6.57 -10.99 -16.35
C GLU A 225 7.11 -9.54 -16.26
N TRP A 226 6.25 -8.61 -15.83
CA TRP A 226 6.62 -7.20 -15.67
C TRP A 226 7.73 -7.01 -14.64
N ARG A 227 7.67 -7.76 -13.53
CA ARG A 227 8.70 -7.69 -12.50
C ARG A 227 10.07 -8.14 -13.06
N GLU A 228 10.05 -9.10 -13.98
CA GLU A 228 11.26 -9.62 -14.59
C GLU A 228 11.91 -8.56 -15.49
N GLN A 229 11.14 -8.06 -16.46
CA GLN A 229 11.56 -6.99 -17.37
C GLN A 229 11.87 -5.66 -16.65
N MET A 230 11.26 -5.46 -15.47
CA MET A 230 11.58 -4.31 -14.60
C MET A 230 12.87 -4.56 -13.81
N GLN A 231 13.06 -5.81 -13.37
CA GLN A 231 14.34 -6.22 -12.75
C GLN A 231 15.48 -6.11 -13.77
N LEU A 232 15.22 -6.54 -15.00
CA LEU A 232 16.21 -6.50 -16.08
C LEU A 232 16.63 -5.07 -16.40
N ARG A 233 15.64 -4.18 -16.65
CA ARG A 233 15.91 -2.77 -16.89
C ARG A 233 16.60 -2.11 -15.69
N PHE A 234 16.16 -2.45 -14.47
CA PHE A 234 16.76 -1.94 -13.23
C PHE A 234 18.18 -2.47 -12.96
N ARG A 235 18.42 -3.73 -13.31
CA ARG A 235 19.75 -4.33 -13.16
C ARG A 235 20.76 -3.64 -14.08
N ARG A 236 20.31 -3.25 -15.27
CA ARG A 236 21.12 -2.48 -16.23
C ARG A 236 21.37 -1.06 -15.74
N VAL A 237 20.37 -0.46 -15.09
CA VAL A 237 20.51 0.88 -14.50
C VAL A 237 21.43 0.85 -13.27
N SER A 238 21.29 -0.20 -12.46
CA SER A 238 22.12 -0.39 -11.27
C SER A 238 23.58 -0.62 -11.66
N ASP A 239 23.79 -1.50 -12.64
CA ASP A 239 25.13 -1.79 -13.17
C ASP A 239 25.75 -0.58 -13.87
N ALA A 240 24.90 0.27 -14.45
CA ALA A 240 25.38 1.45 -15.19
C ALA A 240 25.71 2.60 -14.25
N LEU A 252 6.73 -11.98 -8.08
CA LEU A 252 5.54 -12.55 -7.44
C LEU A 252 5.58 -14.09 -7.54
N ILE A 253 6.03 -14.73 -6.46
CA ILE A 253 6.26 -16.19 -6.48
C ILE A 253 4.91 -16.87 -6.39
N TYR A 254 3.94 -16.09 -5.91
CA TYR A 254 2.57 -16.54 -5.69
C TYR A 254 1.62 -16.20 -6.83
N HIS A 255 2.14 -15.75 -7.98
CA HIS A 255 1.25 -15.54 -9.11
C HIS A 255 0.46 -16.83 -9.31
N ASP A 256 -0.84 -16.69 -9.52
CA ASP A 256 -1.75 -17.82 -9.61
C ASP A 256 -2.88 -17.46 -10.57
N GLU A 257 -3.05 -18.25 -11.63
CA GLU A 257 -4.18 -18.07 -12.56
C GLU A 257 -5.56 -18.21 -11.89
N ASN A 258 -5.62 -19.00 -10.82
CA ASN A 258 -6.84 -19.24 -10.01
C ASN A 258 -7.15 -18.20 -8.94
N ARG A 259 -6.32 -17.15 -8.80
CA ARG A 259 -6.56 -16.16 -7.73
C ARG A 259 -7.92 -15.52 -8.00
N ALA A 260 -8.70 -15.31 -6.94
CA ALA A 260 -10.02 -14.67 -7.11
C ALA A 260 -9.86 -13.23 -7.56
N VAL A 261 -10.72 -12.81 -8.49
CA VAL A 261 -10.82 -11.37 -8.80
C VAL A 261 -11.42 -10.61 -7.60
N VAL A 262 -10.75 -9.58 -7.14
CA VAL A 262 -11.04 -8.99 -5.81
C VAL A 262 -12.42 -8.30 -5.76
N ALA A 263 -12.70 -7.46 -6.74
CA ALA A 263 -14.02 -6.77 -6.78
C ALA A 263 -15.17 -7.78 -6.83
N ASP A 264 -15.04 -8.77 -7.72
CA ASP A 264 -16.01 -9.86 -7.86
C ASP A 264 -16.21 -10.60 -6.53
N TRP A 265 -15.11 -10.94 -5.86
CA TRP A 265 -15.20 -11.66 -4.59
C TRP A 265 -15.93 -10.79 -3.55
N LEU A 266 -15.53 -9.53 -3.41
CA LEU A 266 -16.12 -8.64 -2.38
C LEU A 266 -17.62 -8.48 -2.64
N ASN A 267 -17.97 -8.35 -3.91
CA ASN A 267 -19.36 -8.14 -4.34
C ASN A 267 -20.32 -9.30 -4.09
N ARG A 268 -19.80 -10.46 -3.69
CA ARG A 268 -20.64 -11.61 -3.30
C ARG A 268 -20.41 -12.09 -1.85
N HIS A 269 -19.63 -11.32 -1.10
CA HIS A 269 -19.36 -11.57 0.32
C HIS A 269 -19.70 -10.34 1.19
N GLY A 270 -20.71 -9.57 0.76
CA GLY A 270 -21.27 -8.53 1.63
C GLY A 270 -20.77 -7.10 1.42
N TRP A 271 -20.13 -6.82 0.28
CA TRP A 271 -19.63 -5.46 0.01
C TRP A 271 -20.24 -4.97 -1.28
N ARG A 272 -20.11 -3.66 -1.48
CA ARG A 272 -20.32 -3.07 -2.80
C ARG A 272 -18.97 -2.54 -3.25
N ALA A 273 -18.40 -3.16 -4.28
CA ALA A 273 -16.99 -2.94 -4.66
C ALA A 273 -16.89 -2.44 -6.08
N THR A 274 -15.93 -1.52 -6.30
CA THR A 274 -15.68 -0.95 -7.63
C THR A 274 -14.18 -0.96 -7.89
N ALA A 275 -13.72 -1.01 -9.16
CA ALA A 275 -12.25 -1.05 -9.44
C ALA A 275 -11.85 0.09 -10.33
N GLN A 276 -10.69 0.68 -10.05
CA GLN A 276 -10.07 1.68 -10.91
C GLN A 276 -8.70 1.09 -11.27
N SER A 277 -8.42 0.86 -12.55
CA SER A 277 -7.14 0.29 -12.93
C SER A 277 -6.04 1.32 -12.64
N ALA A 278 -4.86 0.82 -12.29
CA ALA A 278 -3.74 1.73 -12.03
C ALA A 278 -3.43 2.59 -13.28
N PRO A 279 -3.38 1.99 -14.50
CA PRO A 279 -3.12 2.86 -15.68
C PRO A 279 -4.16 3.98 -15.88
N ASP A 280 -5.44 3.66 -15.64
CA ASP A 280 -6.49 4.68 -15.75
C ASP A 280 -6.29 5.80 -14.73
N GLU A 281 -5.89 5.42 -13.53
CA GLU A 281 -5.63 6.38 -12.45
C GLU A 281 -4.37 7.21 -12.77
N MET A 282 -3.33 6.55 -13.28
CA MET A 282 -2.13 7.30 -13.70
C MET A 282 -2.46 8.28 -14.85
N ARG A 283 -3.20 7.83 -15.86
CA ARG A 283 -3.63 8.74 -16.95
C ARG A 283 -4.48 9.91 -16.42
N ARG A 284 -5.32 9.62 -15.41
CA ARG A 284 -6.23 10.62 -14.85
C ARG A 284 -5.50 11.86 -14.35
N VAL A 285 -4.36 11.62 -13.73
CA VAL A 285 -3.51 12.70 -13.21
C VAL A 285 -2.31 13.07 -14.08
N GLY A 286 -2.26 12.63 -15.34
CA GLY A 286 -1.18 13.06 -16.27
C GLY A 286 0.17 12.46 -15.88
N ARG A 287 0.14 11.24 -15.36
CA ARG A 287 1.36 10.56 -14.93
C ARG A 287 1.63 9.18 -15.61
N TRP A 288 0.88 8.86 -16.66
CA TRP A 288 1.11 7.61 -17.39
C TRP A 288 2.18 7.80 -18.48
N GLY A 289 3.15 6.90 -18.51
CA GLY A 289 4.24 6.94 -19.50
C GLY A 289 4.09 5.70 -20.34
N ASP A 290 3.66 5.89 -21.59
CA ASP A 290 3.36 4.77 -22.50
C ASP A 290 4.63 4.13 -23.10
N GLY A 291 5.80 4.68 -22.74
CA GLY A 291 7.10 4.18 -23.20
C GLY A 291 7.55 2.91 -22.47
N VAL A 292 6.92 2.67 -21.31
CA VAL A 292 7.09 1.44 -20.52
C VAL A 292 6.79 0.20 -21.38
N PRO A 293 7.71 -0.78 -21.43
CA PRO A 293 7.33 -2.07 -22.05
C PRO A 293 6.12 -2.71 -21.33
N MET A 294 5.32 -3.48 -22.08
CA MET A 294 4.02 -4.01 -21.63
C MET A 294 2.93 -2.94 -21.35
N ALA A 295 3.13 -1.73 -21.89
CA ALA A 295 2.21 -0.59 -21.67
C ALA A 295 0.77 -0.89 -22.12
N ASP A 296 0.62 -1.82 -23.06
CA ASP A 296 -0.67 -2.10 -23.71
C ASP A 296 -1.49 -3.25 -23.06
N ASP A 297 -0.89 -3.98 -22.12
CA ASP A 297 -1.61 -4.99 -21.34
C ASP A 297 -1.94 -4.39 -20.00
N LYS A 298 -3.23 -4.11 -19.79
CA LYS A 298 -3.75 -3.62 -18.52
C LYS A 298 -3.61 -4.71 -17.45
N ASP A 299 -3.47 -5.95 -17.89
CA ASP A 299 -3.30 -7.09 -16.99
C ASP A 299 -1.88 -7.21 -16.40
N ALA A 300 -0.97 -6.35 -16.82
CA ALA A 300 0.38 -6.31 -16.25
C ALA A 300 0.41 -5.42 -15.01
N PHE A 301 -0.72 -4.75 -14.74
CA PHE A 301 -0.81 -3.73 -13.68
C PHE A 301 -1.94 -4.02 -12.69
N ALA A 302 -1.75 -3.55 -11.46
CA ALA A 302 -2.73 -3.70 -10.40
C ALA A 302 -3.99 -2.90 -10.71
N GLU A 303 -5.06 -3.22 -10.00
CA GLU A 303 -6.21 -2.36 -9.94
C GLU A 303 -6.31 -1.86 -8.51
N PHE A 304 -6.96 -0.69 -8.35
CA PHE A 304 -7.28 -0.12 -7.01
C PHE A 304 -8.76 -0.33 -6.75
N VAL A 305 -9.09 -1.21 -5.79
CA VAL A 305 -10.48 -1.58 -5.54
C VAL A 305 -10.93 -0.90 -4.26
N THR A 306 -12.07 -0.23 -4.33
CA THR A 306 -12.65 0.37 -3.15
C THR A 306 -13.98 -0.30 -2.88
N ALA A 307 -14.28 -0.61 -1.61
CA ALA A 307 -15.51 -1.32 -1.32
C ALA A 307 -16.16 -0.83 -0.05
N HIS A 308 -17.50 -0.89 -0.02
CA HIS A 308 -18.32 -0.44 1.12
C HIS A 308 -19.09 -1.59 1.73
N ARG A 309 -19.06 -1.71 3.07
CA ARG A 309 -19.67 -2.85 3.73
C ARG A 309 -21.20 -2.67 3.86
N LEU A 310 -21.95 -3.67 3.38
CA LEU A 310 -23.40 -3.63 3.41
C LEU A 310 -23.93 -4.15 4.74
C4' SAM B . 4.77 -5.38 3.30
O4' SAM B . 3.82 -6.42 3.55
C3' SAM B . 5.91 -5.58 4.30
O3' SAM B . 5.74 -4.72 5.39
C2' SAM B . 5.74 -7.01 4.81
O2' SAM B . 6.31 -7.21 6.10
C1' SAM B . 4.22 -7.06 4.77
N9 SAM B . 3.73 -8.44 4.90
C8 SAM B . 3.86 -9.44 3.96
N7 SAM B . 3.31 -10.55 4.49
C5 SAM B . 2.82 -10.29 5.74
C6 SAM B . 2.16 -11.07 6.69
N6 SAM B . 1.89 -12.36 6.45
N1 SAM B . 1.78 -10.49 7.88
C2 SAM B . 2.06 -9.16 8.17
N3 SAM B . 2.70 -8.40 7.21
C4 SAM B . 3.09 -8.95 6.01
#